data_6IBU
#
_entry.id   6IBU
#
_cell.length_a   55.400
_cell.length_b   74.171
_cell.length_c   116.820
_cell.angle_alpha   90.00
_cell.angle_beta   90.00
_cell.angle_gamma   90.00
#
_symmetry.space_group_name_H-M   'P 21 21 21'
#
loop_
_entity.id
_entity.type
_entity.pdbx_description
1 polymer 'Probable glycosidase crf1'
2 non-polymer GLYCEROL
3 water water
#
_entity_poly.entity_id   1
_entity_poly.type   'polypeptide(L)'
_entity_poly.pdbx_seq_one_letter_code
;WSKCNPLEKTCPPNKGLAASTYTADFTSASALDQWEVTAGKVPVGPQGAEFTVAKQGDAPTIDTDFYFFFGKAEVVMKAA
PGTGVVSSIVLESDDLDEVDWEVLGGDTTQVQTNYFGKGDTTTYDRGTYVPVATPQETFHTYTIDWTKDAVTWSIDGAVV
RTLTYNDAKGGTRFPQTPMRLRLGSWAGGDPSNPKGTIEWAGGLTDYSAGPYTMYVKSVRIENANPAESYTYSDNSGSWQ
SIKFD
;
_entity_poly.pdbx_strand_id   A,B
#
# COMPACT_ATOMS: atom_id res chain seq x y z
N LYS A 3 28.99 -10.21 3.67
CA LYS A 3 29.67 -9.57 2.52
C LYS A 3 30.08 -10.61 1.47
N CYS A 4 29.64 -11.87 1.60
CA CYS A 4 29.88 -12.95 0.61
C CYS A 4 28.78 -12.86 -0.46
N ASN A 5 29.12 -12.52 -1.71
CA ASN A 5 28.15 -12.24 -2.80
C ASN A 5 27.81 -13.51 -3.56
N PRO A 6 26.58 -14.04 -3.44
CA PRO A 6 26.20 -15.29 -4.14
C PRO A 6 26.12 -15.20 -5.67
N LEU A 7 26.12 -14.01 -6.24
CA LEU A 7 26.24 -13.82 -7.70
C LEU A 7 27.64 -14.22 -8.16
N GLU A 8 28.65 -14.15 -7.29
CA GLU A 8 30.08 -14.33 -7.67
C GLU A 8 30.59 -15.68 -7.13
N LYS A 9 30.12 -16.15 -5.99
CA LYS A 9 30.68 -17.37 -5.33
C LYS A 9 29.55 -18.23 -4.76
N THR A 10 29.85 -19.48 -4.41
CA THR A 10 29.04 -20.29 -3.49
C THR A 10 29.27 -19.72 -2.09
N CYS A 11 28.19 -19.34 -1.39
CA CYS A 11 28.26 -18.70 -0.05
C CYS A 11 27.54 -19.60 0.95
N PRO A 12 27.87 -19.52 2.25
CA PRO A 12 27.11 -20.22 3.28
C PRO A 12 25.68 -19.68 3.35
N PRO A 13 24.68 -20.49 3.79
CA PRO A 13 23.31 -20.02 3.92
C PRO A 13 23.09 -18.79 4.81
N ASN A 14 22.09 -17.95 4.48
CA ASN A 14 21.63 -16.84 5.35
C ASN A 14 20.83 -17.45 6.50
N LYS A 15 21.09 -17.05 7.73
CA LYS A 15 20.21 -17.39 8.88
C LYS A 15 18.83 -16.81 8.59
N GLY A 16 17.79 -17.62 8.79
CA GLY A 16 16.40 -17.27 8.45
C GLY A 16 15.62 -16.86 9.68
N LEU A 17 14.59 -16.04 9.49
CA LEU A 17 13.57 -15.81 10.53
C LEU A 17 12.59 -16.98 10.43
N ALA A 18 12.71 -17.95 11.34
CA ALA A 18 11.90 -19.19 11.31
C ALA A 18 10.55 -18.90 12.01
N ALA A 19 9.90 -17.82 11.59
CA ALA A 19 8.61 -17.38 12.13
C ALA A 19 7.89 -16.58 11.05
N SER A 20 6.57 -16.47 11.14
CA SER A 20 5.80 -15.66 10.17
C SER A 20 5.83 -14.19 10.61
N THR A 21 6.04 -13.92 11.90
CA THR A 21 6.02 -12.55 12.48
C THR A 21 7.18 -12.35 13.46
N TYR A 22 7.82 -11.18 13.40
CA TYR A 22 8.79 -10.68 14.42
C TYR A 22 8.38 -9.25 14.81
N THR A 23 8.26 -8.97 16.09
CA THR A 23 7.92 -7.64 16.64
C THR A 23 8.91 -7.33 17.78
N ALA A 24 9.39 -6.10 17.82
CA ALA A 24 10.26 -5.55 18.87
C ALA A 24 9.67 -4.20 19.26
N ASP A 25 9.25 -4.04 20.50
CA ASP A 25 9.03 -2.74 21.16
C ASP A 25 10.39 -2.31 21.70
N PHE A 26 11.00 -1.26 21.16
CA PHE A 26 12.34 -0.82 21.65
C PHE A 26 12.24 -0.01 22.95
N THR A 27 11.14 -0.01 23.67
CA THR A 27 11.12 0.51 25.06
C THR A 27 12.08 -0.29 25.96
N SER A 28 12.20 -1.59 25.72
CA SER A 28 12.89 -2.54 26.62
C SER A 28 14.35 -2.72 26.23
N ALA A 29 15.22 -3.01 27.21
CA ALA A 29 16.65 -3.31 26.98
C ALA A 29 16.76 -4.61 26.19
N SER A 30 15.79 -5.51 26.39
CA SER A 30 15.65 -6.87 25.80
C SER A 30 15.62 -6.80 24.27
N ALA A 31 14.85 -5.87 23.70
CA ALA A 31 14.49 -5.78 22.26
C ALA A 31 15.69 -5.96 21.31
N LEU A 32 16.95 -5.82 21.75
CA LEU A 32 18.09 -5.98 20.82
C LEU A 32 18.57 -7.43 20.71
N ASP A 33 17.80 -8.40 21.20
CA ASP A 33 18.13 -9.84 21.22
C ASP A 33 18.53 -10.37 19.85
N GLN A 34 17.73 -10.15 18.82
CA GLN A 34 17.96 -10.79 17.49
C GLN A 34 18.61 -9.77 16.55
N TRP A 35 19.32 -8.79 17.12
CA TRP A 35 20.02 -7.71 16.39
C TRP A 35 21.51 -7.69 16.73
N GLU A 36 22.33 -7.24 15.80
CA GLU A 36 23.80 -7.04 15.97
C GLU A 36 24.01 -5.53 15.92
N VAL A 37 24.65 -4.96 16.94
CA VAL A 37 25.07 -3.53 16.92
C VAL A 37 26.36 -3.53 16.17
N THR A 38 26.14 -3.17 15.00
CA THR A 38 27.16 -3.56 14.05
C THR A 38 28.10 -2.37 13.82
N ALA A 39 27.77 -1.18 14.27
CA ALA A 39 28.75 -0.06 14.37
C ALA A 39 28.22 0.91 15.39
N GLY A 40 29.11 1.58 16.13
CA GLY A 40 28.77 2.48 17.24
C GLY A 40 28.07 1.77 18.37
N LYS A 41 27.36 2.53 19.19
CA LYS A 41 26.63 2.07 20.39
C LYS A 41 25.19 2.56 20.22
N VAL A 42 24.21 1.72 20.53
CA VAL A 42 22.79 2.09 20.30
C VAL A 42 22.07 1.93 21.63
N PRO A 43 21.96 3.02 22.41
CA PRO A 43 21.23 3.01 23.66
C PRO A 43 19.74 2.80 23.37
N VAL A 44 19.02 2.27 24.35
CA VAL A 44 17.56 2.01 24.24
C VAL A 44 16.86 2.77 25.36
N GLY A 45 16.50 4.03 25.11
CA GLY A 45 15.83 4.87 26.11
C GLY A 45 14.32 4.67 26.08
N PRO A 46 13.56 5.64 26.64
CA PRO A 46 12.11 5.55 26.66
C PRO A 46 11.47 5.84 25.28
N GLN A 47 12.21 6.46 24.36
CA GLN A 47 11.74 6.73 22.99
C GLN A 47 12.27 5.64 22.03
N GLY A 48 12.90 4.60 22.59
CA GLY A 48 13.36 3.41 21.84
C GLY A 48 14.85 3.46 21.56
N ALA A 49 15.29 2.76 20.52
CA ALA A 49 16.70 2.69 20.08
C ALA A 49 17.10 4.07 19.57
N GLU A 50 18.26 4.55 20.00
CA GLU A 50 18.76 5.92 19.70
C GLU A 50 19.97 5.79 18.80
N PHE A 51 19.96 6.47 17.67
CA PHE A 51 21.07 6.45 16.71
C PHE A 51 21.62 7.88 16.68
N THR A 52 22.67 8.13 17.44
CA THR A 52 23.19 9.51 17.61
C THR A 52 24.41 9.72 16.73
N VAL A 53 24.40 10.76 15.92
CA VAL A 53 25.62 11.29 15.27
C VAL A 53 26.13 12.46 16.12
N ALA A 54 27.21 12.28 16.87
CA ALA A 54 27.76 13.33 17.77
C ALA A 54 29.10 13.83 17.24
N LYS A 55 29.90 12.99 16.61
CA LYS A 55 31.23 13.39 16.10
C LYS A 55 31.48 12.66 14.78
N GLN A 56 32.47 13.14 14.03
CA GLN A 56 32.82 12.59 12.71
C GLN A 56 33.11 11.10 12.91
N GLY A 57 32.68 10.26 11.95
CA GLY A 57 32.85 8.81 12.00
C GLY A 57 31.72 8.09 12.73
N ASP A 58 30.82 8.82 13.43
CA ASP A 58 29.65 8.23 14.14
C ASP A 58 28.62 7.75 13.12
N ALA A 59 28.38 6.44 13.08
CA ALA A 59 27.44 5.78 12.16
C ALA A 59 26.80 4.62 12.91
N PRO A 60 26.09 4.90 14.02
CA PRO A 60 25.43 3.85 14.77
C PRO A 60 24.43 3.08 13.91
N THR A 61 24.50 1.75 13.95
CA THR A 61 23.71 0.84 13.09
C THR A 61 23.30 -0.40 13.87
N ILE A 62 22.12 -0.92 13.59
CA ILE A 62 21.72 -2.29 14.03
C ILE A 62 21.24 -3.05 12.81
N ASP A 63 21.63 -4.32 12.70
CA ASP A 63 21.17 -5.29 11.69
C ASP A 63 20.41 -6.42 12.39
N THR A 64 19.35 -6.93 11.79
CA THR A 64 18.70 -8.18 12.23
C THR A 64 19.71 -9.32 12.01
N ASP A 65 19.79 -10.24 12.96
CA ASP A 65 20.59 -11.48 12.84
C ASP A 65 20.04 -12.31 11.68
N PHE A 66 18.72 -12.27 11.49
CA PHE A 66 17.98 -13.09 10.51
C PHE A 66 17.74 -12.31 9.22
N TYR A 67 17.43 -13.07 8.17
CA TYR A 67 16.93 -12.59 6.85
C TYR A 67 15.49 -13.09 6.73
N PHE A 68 14.66 -12.33 6.03
CA PHE A 68 13.28 -12.76 5.66
C PHE A 68 13.19 -12.72 4.14
N PHE A 69 12.30 -13.54 3.58
CA PHE A 69 12.18 -13.78 2.13
C PHE A 69 10.76 -13.45 1.72
N PHE A 70 10.55 -12.20 1.30
CA PHE A 70 9.25 -11.57 0.99
C PHE A 70 8.50 -11.34 2.29
N GLY A 71 7.55 -10.42 2.26
CA GLY A 71 6.68 -10.10 3.40
C GLY A 71 6.65 -8.61 3.64
N LYS A 72 7.02 -8.17 4.84
CA LYS A 72 6.75 -6.79 5.29
C LYS A 72 7.81 -6.35 6.29
N ALA A 73 8.28 -5.12 6.18
CA ALA A 73 9.10 -4.46 7.21
C ALA A 73 8.42 -3.13 7.55
N GLU A 74 8.06 -2.95 8.82
CA GLU A 74 7.37 -1.75 9.32
C GLU A 74 8.22 -1.16 10.46
N VAL A 75 8.61 0.10 10.34
CA VAL A 75 9.52 0.73 11.34
C VAL A 75 8.85 2.01 11.82
N VAL A 76 8.71 2.19 13.13
CA VAL A 76 8.23 3.49 13.70
C VAL A 76 9.50 4.30 14.06
N MET A 77 9.81 5.47 13.39
CA MET A 77 11.08 6.27 13.41
C MET A 77 10.69 7.76 13.41
N LYS A 78 11.49 8.38 14.20
CA LYS A 78 11.63 9.84 14.20
C LYS A 78 13.04 10.11 13.74
N ALA A 79 13.19 10.83 12.65
CA ALA A 79 14.50 11.00 11.99
C ALA A 79 15.35 12.00 12.78
N ALA A 80 16.66 11.85 12.69
CA ALA A 80 17.62 12.80 13.26
C ALA A 80 17.48 14.10 12.49
N PRO A 81 17.52 15.25 13.18
CA PRO A 81 17.63 16.54 12.49
C PRO A 81 19.10 16.78 12.13
N GLY A 82 19.39 17.96 11.59
CA GLY A 82 20.77 18.38 11.30
C GLY A 82 21.10 18.23 9.82
N THR A 83 21.67 19.29 9.27
CA THR A 83 22.17 19.35 7.89
C THR A 83 23.09 18.15 7.64
N GLY A 84 22.80 17.38 6.60
CA GLY A 84 23.69 16.32 6.11
C GLY A 84 23.58 15.05 6.95
N VAL A 85 22.77 15.03 7.98
CA VAL A 85 22.61 13.82 8.82
C VAL A 85 21.54 12.95 8.17
N VAL A 86 21.90 11.72 7.85
CA VAL A 86 20.98 10.77 7.17
C VAL A 86 20.42 9.81 8.21
N SER A 87 19.11 9.60 8.21
CA SER A 87 18.41 8.52 8.96
C SER A 87 17.95 7.45 7.96
N SER A 88 18.48 6.23 8.04
CA SER A 88 18.32 5.16 7.02
C SER A 88 17.54 3.96 7.56
N ILE A 89 16.51 3.51 6.84
CA ILE A 89 15.88 2.17 7.01
C ILE A 89 16.20 1.33 5.77
N VAL A 90 16.96 0.26 5.89
CA VAL A 90 17.44 -0.50 4.70
C VAL A 90 17.02 -1.96 4.80
N LEU A 91 16.38 -2.48 3.77
CA LEU A 91 16.32 -3.95 3.54
C LEU A 91 17.42 -4.27 2.54
N GLU A 92 18.29 -5.22 2.88
CA GLU A 92 19.46 -5.52 2.01
C GLU A 92 19.71 -7.02 2.00
N SER A 93 19.98 -7.53 0.80
CA SER A 93 20.37 -8.94 0.58
C SER A 93 21.89 -9.03 0.43
N ASP A 94 22.40 -10.26 0.54
CA ASP A 94 23.82 -10.60 0.29
C ASP A 94 24.20 -10.38 -1.18
N ASP A 95 23.28 -10.36 -2.19
CA ASP A 95 23.64 -9.98 -3.60
C ASP A 95 23.35 -8.50 -3.84
N LEU A 96 23.09 -7.76 -2.77
CA LEU A 96 22.92 -6.29 -2.81
C LEU A 96 21.63 -5.93 -3.54
N ASP A 97 20.62 -6.80 -3.54
CA ASP A 97 19.22 -6.34 -3.70
C ASP A 97 18.94 -5.44 -2.50
N GLU A 98 18.14 -4.41 -2.68
CA GLU A 98 18.02 -3.42 -1.61
C GLU A 98 16.79 -2.57 -1.79
N VAL A 99 16.13 -2.28 -0.68
CA VAL A 99 14.97 -1.35 -0.60
C VAL A 99 15.24 -0.47 0.62
N ASP A 100 15.07 0.83 0.52
CA ASP A 100 15.37 1.70 1.67
C ASP A 100 14.50 2.95 1.70
N TRP A 101 14.48 3.51 2.90
CA TRP A 101 14.02 4.87 3.24
C TRP A 101 15.25 5.68 3.63
N GLU A 102 15.37 6.93 3.18
CA GLU A 102 16.42 7.86 3.68
C GLU A 102 15.74 9.16 4.11
N VAL A 103 15.90 9.59 5.35
CA VAL A 103 15.53 10.97 5.74
C VAL A 103 16.82 11.82 5.84
N LEU A 104 16.75 13.06 5.40
CA LEU A 104 17.87 14.03 5.52
C LEU A 104 17.48 15.02 6.62
N GLY A 105 18.38 15.30 7.55
CA GLY A 105 18.09 16.16 8.71
C GLY A 105 17.55 17.53 8.33
N GLY A 106 18.06 18.17 7.28
CA GLY A 106 17.67 19.56 6.95
C GLY A 106 16.48 19.60 6.02
N ASP A 107 16.04 18.47 5.50
CA ASP A 107 14.86 18.41 4.58
C ASP A 107 13.66 17.96 5.42
N THR A 108 12.84 18.90 5.89
CA THR A 108 11.80 18.65 6.92
C THR A 108 10.46 18.29 6.29
N THR A 109 10.40 18.02 4.99
CA THR A 109 9.14 17.91 4.23
C THR A 109 9.08 16.64 3.40
N GLN A 110 10.17 15.87 3.35
CA GLN A 110 10.22 14.67 2.49
C GLN A 110 11.00 13.54 3.17
N VAL A 111 10.81 12.34 2.64
CA VAL A 111 11.70 11.16 2.82
C VAL A 111 12.01 10.67 1.42
N GLN A 112 13.19 10.11 1.23
CA GLN A 112 13.55 9.53 -0.08
C GLN A 112 13.25 8.03 -0.05
N THR A 113 12.68 7.50 -1.12
CA THR A 113 12.52 6.05 -1.30
C THR A 113 13.57 5.59 -2.29
N ASN A 114 14.02 4.38 -2.17
CA ASN A 114 15.09 3.90 -3.07
C ASN A 114 15.11 2.37 -3.15
N TYR A 115 15.69 1.87 -4.22
CA TYR A 115 15.94 0.43 -4.35
C TYR A 115 17.13 0.26 -5.29
N PHE A 116 17.82 -0.87 -5.12
CA PHE A 116 18.88 -1.39 -6.02
C PHE A 116 18.52 -2.86 -6.29
N GLY A 117 18.76 -3.29 -7.51
CA GLY A 117 18.84 -4.72 -7.89
C GLY A 117 20.29 -5.12 -8.02
N LYS A 118 20.72 -6.13 -7.26
CA LYS A 118 22.03 -6.79 -7.44
C LYS A 118 23.18 -5.78 -7.43
N GLY A 119 23.07 -4.74 -6.60
CA GLY A 119 24.15 -3.77 -6.37
C GLY A 119 24.35 -2.86 -7.57
N ASP A 120 23.39 -2.85 -8.49
CA ASP A 120 23.46 -2.09 -9.75
C ASP A 120 23.08 -0.63 -9.48
N THR A 121 24.04 0.30 -9.50
CA THR A 121 23.78 1.74 -9.24
C THR A 121 23.89 2.54 -10.52
N THR A 122 23.81 1.86 -11.66
CA THR A 122 24.05 2.43 -13.01
C THR A 122 23.15 3.64 -13.30
N THR A 123 21.81 3.52 -13.25
CA THR A 123 20.89 4.67 -13.46
C THR A 123 20.60 5.31 -12.09
N TYR A 124 19.72 6.32 -12.05
CA TYR A 124 19.10 6.85 -10.80
C TYR A 124 17.58 6.99 -11.00
N ASP A 125 16.99 5.92 -11.55
CA ASP A 125 15.52 5.68 -11.69
C ASP A 125 15.01 5.02 -10.41
N ARG A 126 15.91 4.82 -9.45
CA ARG A 126 15.74 4.01 -8.22
C ARG A 126 15.16 4.90 -7.11
N GLY A 127 15.43 6.21 -7.15
CA GLY A 127 15.13 7.19 -6.08
C GLY A 127 13.91 8.05 -6.39
N THR A 128 13.04 8.20 -5.42
CA THR A 128 11.81 9.03 -5.46
C THR A 128 11.67 9.73 -4.10
N TYR A 129 11.47 11.04 -4.09
CA TYR A 129 11.13 11.77 -2.85
C TYR A 129 9.62 11.75 -2.67
N VAL A 130 9.14 11.60 -1.43
CA VAL A 130 7.69 11.64 -1.12
C VAL A 130 7.50 12.62 0.02
N PRO A 131 6.43 13.43 0.02
CA PRO A 131 6.19 14.39 1.10
C PRO A 131 5.85 13.66 2.40
N VAL A 132 6.42 14.13 3.51
CA VAL A 132 6.16 13.62 4.89
C VAL A 132 6.23 14.82 5.85
N ALA A 133 5.34 14.87 6.82
CA ALA A 133 5.26 16.03 7.74
C ALA A 133 6.37 15.87 8.77
N THR A 134 7.30 16.83 8.79
CA THR A 134 8.34 16.97 9.81
C THR A 134 8.83 15.60 10.30
N PRO A 135 9.52 14.80 9.46
CA PRO A 135 10.01 13.50 9.88
C PRO A 135 11.03 13.53 11.02
N GLN A 136 11.71 14.66 11.23
CA GLN A 136 12.67 14.85 12.36
C GLN A 136 11.93 15.22 13.65
N GLU A 137 10.67 15.60 13.61
CA GLU A 137 10.04 16.18 14.82
C GLU A 137 8.93 15.28 15.33
N THR A 138 8.60 14.26 14.58
CA THR A 138 7.47 13.42 14.99
C THR A 138 7.75 11.99 14.54
N PHE A 139 7.20 10.94 15.14
CA PHE A 139 7.32 9.53 14.67
C PHE A 139 6.38 9.32 13.49
N HIS A 140 6.79 8.49 12.54
CA HIS A 140 5.95 8.00 11.44
C HIS A 140 6.16 6.49 11.35
N THR A 141 5.23 5.79 10.73
CA THR A 141 5.36 4.36 10.48
C THR A 141 5.82 4.20 9.03
N TYR A 142 7.02 3.71 8.84
CA TYR A 142 7.59 3.46 7.49
C TYR A 142 7.42 1.98 7.18
N THR A 143 6.64 1.67 6.16
CA THR A 143 6.25 0.29 5.83
C THR A 143 6.71 -0.06 4.42
N ILE A 144 7.36 -1.19 4.27
CA ILE A 144 7.75 -1.78 2.96
C ILE A 144 7.03 -3.10 2.82
N ASP A 145 6.11 -3.21 1.88
CA ASP A 145 5.43 -4.48 1.50
C ASP A 145 6.20 -5.06 0.31
N TRP A 146 6.64 -6.30 0.42
CA TRP A 146 7.60 -6.86 -0.54
C TRP A 146 7.09 -8.22 -1.01
N THR A 147 6.64 -8.29 -2.25
CA THR A 147 6.15 -9.53 -2.87
C THR A 147 6.91 -9.73 -4.16
N LYS A 148 6.75 -10.90 -4.78
CA LYS A 148 7.42 -11.22 -6.07
C LYS A 148 6.78 -10.34 -7.16
N ASP A 149 5.62 -9.73 -6.92
CA ASP A 149 4.95 -8.87 -7.92
C ASP A 149 5.36 -7.39 -7.77
N ALA A 150 5.66 -6.91 -6.56
CA ALA A 150 5.80 -5.47 -6.30
C ALA A 150 6.41 -5.19 -4.93
N VAL A 151 7.19 -4.13 -4.86
CA VAL A 151 7.59 -3.47 -3.60
C VAL A 151 6.70 -2.23 -3.41
N THR A 152 6.07 -2.11 -2.25
CA THR A 152 5.19 -0.96 -1.95
C THR A 152 5.78 -0.25 -0.74
N TRP A 153 5.99 1.05 -0.84
CA TRP A 153 6.37 1.90 0.31
C TRP A 153 5.10 2.55 0.83
N SER A 154 4.91 2.55 2.14
CA SER A 154 3.77 3.24 2.81
C SER A 154 4.27 4.06 3.98
N ILE A 155 3.60 5.20 4.22
CA ILE A 155 3.86 6.06 5.41
C ILE A 155 2.53 6.24 6.12
N ASP A 156 2.43 5.80 7.38
CA ASP A 156 1.21 5.96 8.20
C ASP A 156 0.03 5.36 7.45
N GLY A 157 0.25 4.23 6.80
CA GLY A 157 -0.78 3.45 6.10
C GLY A 157 -1.27 4.08 4.81
N ALA A 158 -0.50 5.00 4.20
CA ALA A 158 -0.85 5.56 2.88
C ALA A 158 0.21 5.11 1.89
N VAL A 159 -0.17 4.48 0.78
CA VAL A 159 0.84 4.05 -0.24
C VAL A 159 1.52 5.31 -0.80
N VAL A 160 2.85 5.36 -0.83
CA VAL A 160 3.57 6.56 -1.38
C VAL A 160 4.37 6.16 -2.62
N ARG A 161 4.67 4.87 -2.81
CA ARG A 161 5.36 4.40 -4.03
C ARG A 161 5.13 2.92 -4.24
N THR A 162 4.96 2.52 -5.49
CA THR A 162 4.93 1.09 -5.91
C THR A 162 5.96 0.85 -7.00
N LEU A 163 6.84 -0.11 -6.78
CA LEU A 163 7.76 -0.65 -7.81
C LEU A 163 7.23 -2.01 -8.23
N THR A 164 6.73 -2.14 -9.46
CA THR A 164 6.25 -3.44 -10.00
C THR A 164 7.48 -4.16 -10.55
N TYR A 165 7.41 -5.48 -10.56
CA TYR A 165 8.50 -6.37 -11.00
C TYR A 165 8.95 -5.95 -12.40
N ASN A 166 8.02 -5.67 -13.31
CA ASN A 166 8.33 -5.24 -14.71
C ASN A 166 9.04 -3.89 -14.71
N ASP A 167 8.68 -2.98 -13.79
CA ASP A 167 9.23 -1.60 -13.70
C ASP A 167 10.74 -1.70 -13.44
N ALA A 168 11.20 -2.73 -12.74
CA ALA A 168 12.61 -2.86 -12.31
C ALA A 168 13.41 -3.60 -13.40
N LYS A 169 13.62 -2.96 -14.56
CA LYS A 169 14.29 -3.50 -15.77
C LYS A 169 13.84 -4.94 -16.03
N GLY A 170 12.55 -5.12 -16.25
CA GLY A 170 11.94 -6.41 -16.64
C GLY A 170 12.13 -7.49 -15.60
N GLY A 171 12.34 -7.10 -14.34
CA GLY A 171 12.50 -8.05 -13.23
C GLY A 171 13.95 -8.35 -12.95
N THR A 172 14.84 -8.03 -13.90
CA THR A 172 16.31 -8.25 -13.76
C THR A 172 16.85 -7.48 -12.55
N ARG A 173 16.20 -6.39 -12.11
CA ARG A 173 16.73 -5.58 -10.99
C ARG A 173 15.67 -5.45 -9.87
N PHE A 174 14.69 -6.35 -9.82
CA PHE A 174 13.68 -6.39 -8.74
C PHE A 174 14.29 -7.02 -7.49
N PRO A 175 14.22 -6.38 -6.30
CA PRO A 175 14.73 -7.00 -5.07
C PRO A 175 13.98 -8.30 -4.80
N GLN A 176 14.66 -9.44 -4.76
CA GLN A 176 13.96 -10.75 -4.72
C GLN A 176 14.83 -11.81 -4.08
N THR A 177 15.77 -11.43 -3.23
CA THR A 177 16.59 -12.38 -2.47
C THR A 177 16.37 -12.08 -1.00
N PRO A 178 16.71 -13.01 -0.09
CA PRO A 178 16.39 -12.83 1.33
C PRO A 178 17.15 -11.60 1.81
N MET A 179 16.47 -10.77 2.60
CA MET A 179 17.04 -9.48 3.01
C MET A 179 17.00 -9.37 4.53
N ARG A 180 17.95 -8.61 5.08
CA ARG A 180 17.92 -8.29 6.51
C ARG A 180 17.57 -6.81 6.64
N LEU A 181 17.13 -6.41 7.81
CA LEU A 181 16.76 -5.01 8.09
C LEU A 181 17.94 -4.33 8.79
N ARG A 182 18.39 -3.20 8.25
CA ARG A 182 19.48 -2.38 8.84
C ARG A 182 18.85 -1.05 9.26
N LEU A 183 19.07 -0.61 10.49
CA LEU A 183 18.63 0.73 10.92
C LEU A 183 19.87 1.52 11.29
N GLY A 184 19.93 2.79 10.91
CA GLY A 184 21.09 3.60 11.30
C GLY A 184 20.97 5.05 10.90
N SER A 185 21.81 5.85 11.52
CA SER A 185 22.02 7.28 11.19
C SER A 185 23.50 7.44 10.92
N TRP A 186 23.85 8.44 10.12
CA TRP A 186 25.23 8.72 9.70
C TRP A 186 25.29 10.10 9.07
N ALA A 187 26.49 10.65 8.94
CA ALA A 187 26.67 11.99 8.34
C ALA A 187 26.91 11.82 6.85
N GLY A 188 25.88 11.98 6.03
CA GLY A 188 26.03 12.08 4.56
C GLY A 188 26.89 13.29 4.24
N GLY A 189 26.82 14.30 5.11
CA GLY A 189 27.54 15.56 4.96
C GLY A 189 28.89 15.56 5.67
N ASP A 190 29.47 14.40 5.97
CA ASP A 190 30.86 14.25 6.44
C ASP A 190 31.76 14.93 5.40
N PRO A 191 32.65 15.87 5.79
CA PRO A 191 33.55 16.51 4.84
C PRO A 191 34.40 15.53 4.02
N SER A 192 34.69 14.36 4.59
CA SER A 192 35.48 13.30 3.91
C SER A 192 34.65 12.57 2.85
N ASN A 193 33.36 12.84 2.71
CA ASN A 193 32.52 12.14 1.71
C ASN A 193 32.69 12.79 0.35
N PRO A 194 32.37 12.08 -0.76
CA PRO A 194 32.32 12.70 -2.08
C PRO A 194 31.36 13.90 -2.07
N LYS A 195 31.66 14.92 -2.88
CA LYS A 195 30.82 16.13 -3.09
C LYS A 195 29.38 15.69 -3.38
N GLY A 196 29.19 14.67 -4.22
CA GLY A 196 27.87 14.17 -4.64
C GLY A 196 27.05 13.69 -3.45
N THR A 197 27.67 13.01 -2.49
CA THR A 197 26.99 12.51 -1.27
C THR A 197 26.58 13.70 -0.40
N ILE A 198 27.49 14.65 -0.23
CA ILE A 198 27.24 15.83 0.63
C ILE A 198 26.06 16.62 0.06
N GLU A 199 26.04 16.87 -1.24
CA GLU A 199 24.93 17.59 -1.95
C GLU A 199 23.62 16.83 -1.73
N TRP A 200 23.67 15.52 -1.88
CA TRP A 200 22.47 14.67 -1.75
C TRP A 200 21.94 14.76 -0.30
N ALA A 201 22.87 14.74 0.68
CA ALA A 201 22.56 14.77 2.13
C ALA A 201 22.00 16.15 2.51
N GLY A 202 22.19 17.16 1.68
CA GLY A 202 21.67 18.52 1.94
C GLY A 202 22.71 19.44 2.54
N GLY A 203 23.97 19.05 2.55
CA GLY A 203 25.07 19.96 2.92
C GLY A 203 26.03 19.32 3.90
N LEU A 204 27.06 20.06 4.26
CA LEU A 204 28.11 19.70 5.25
C LEU A 204 27.47 19.47 6.62
N THR A 205 27.91 18.45 7.33
CA THR A 205 27.44 18.21 8.71
C THR A 205 28.33 18.99 9.66
N ASP A 206 27.72 19.70 10.60
CA ASP A 206 28.39 20.44 11.69
C ASP A 206 28.21 19.63 12.98
N TYR A 207 29.15 18.75 13.31
CA TYR A 207 29.04 17.82 14.45
C TYR A 207 28.90 18.56 15.77
N SER A 208 29.59 19.70 15.91
CA SER A 208 29.61 20.48 17.16
C SER A 208 28.21 21.04 17.46
N ALA A 209 27.40 21.30 16.42
CA ALA A 209 26.02 21.84 16.56
C ALA A 209 25.05 20.69 16.89
N GLY A 210 25.58 19.47 17.02
CA GLY A 210 24.83 18.26 17.37
C GLY A 210 24.46 18.19 18.86
N PRO A 211 24.24 16.98 19.42
CA PRO A 211 24.25 15.75 18.62
C PRO A 211 22.91 15.57 17.91
N TYR A 212 22.91 14.71 16.91
CA TYR A 212 21.70 14.47 16.10
C TYR A 212 21.28 13.04 16.32
N THR A 213 20.03 12.86 16.74
CA THR A 213 19.56 11.51 17.11
C THR A 213 18.33 11.12 16.32
N MET A 214 18.40 9.97 15.67
CA MET A 214 17.24 9.26 15.07
C MET A 214 16.71 8.30 16.14
N TYR A 215 15.40 8.17 16.25
CA TYR A 215 14.77 7.23 17.22
C TYR A 215 13.94 6.20 16.47
N VAL A 216 14.13 4.94 16.81
CA VAL A 216 13.26 3.83 16.32
C VAL A 216 12.53 3.25 17.53
N LYS A 217 11.23 3.41 17.63
CA LYS A 217 10.56 2.88 18.85
C LYS A 217 10.07 1.46 18.60
N SER A 218 9.77 1.04 17.37
CA SER A 218 9.31 -0.35 17.14
C SER A 218 9.64 -0.85 15.73
N VAL A 219 9.73 -2.16 15.62
CA VAL A 219 9.94 -2.89 14.34
C VAL A 219 8.96 -4.06 14.26
N ARG A 220 8.25 -4.17 13.13
CA ARG A 220 7.44 -5.37 12.79
C ARG A 220 7.97 -5.95 11.49
N ILE A 221 8.41 -7.21 11.50
CA ILE A 221 8.72 -7.95 10.24
C ILE A 221 7.75 -9.11 10.10
N GLU A 222 7.15 -9.23 8.92
CA GLU A 222 6.34 -10.41 8.51
C GLU A 222 7.14 -11.16 7.45
N ASN A 223 7.43 -12.43 7.71
CA ASN A 223 8.21 -13.25 6.78
C ASN A 223 7.21 -14.10 6.00
N ALA A 224 7.09 -13.85 4.70
CA ALA A 224 6.19 -14.59 3.78
C ALA A 224 6.61 -16.06 3.71
N ASN A 225 7.91 -16.33 3.89
CA ASN A 225 8.51 -17.67 3.71
C ASN A 225 9.36 -18.04 4.93
N PRO A 226 8.76 -18.26 6.10
CA PRO A 226 9.53 -18.60 7.28
C PRO A 226 10.45 -19.80 7.02
N ALA A 227 11.70 -19.72 7.46
CA ALA A 227 12.70 -20.79 7.32
C ALA A 227 13.83 -20.59 8.31
N GLU A 228 14.48 -21.69 8.68
CA GLU A 228 15.67 -21.66 9.58
C GLU A 228 16.83 -21.05 8.80
N SER A 229 16.84 -21.16 7.47
CA SER A 229 17.93 -20.62 6.63
C SER A 229 17.55 -20.59 5.14
N TYR A 230 18.30 -19.81 4.37
CA TYR A 230 18.12 -19.64 2.92
C TYR A 230 19.47 -19.90 2.25
N THR A 231 19.42 -20.62 1.14
CA THR A 231 20.62 -20.95 0.32
C THR A 231 20.38 -20.42 -1.08
N TYR A 232 21.35 -19.71 -1.65
CA TYR A 232 21.35 -19.35 -3.09
C TYR A 232 21.86 -20.56 -3.86
N SER A 233 21.00 -21.29 -4.55
CA SER A 233 21.37 -22.57 -5.22
C SER A 233 22.12 -22.31 -6.53
N ASP A 234 22.15 -21.09 -7.06
CA ASP A 234 22.88 -20.83 -8.34
C ASP A 234 23.34 -19.37 -8.37
N ASN A 235 23.72 -18.90 -9.56
CA ASN A 235 24.35 -17.57 -9.83
C ASN A 235 23.30 -16.59 -10.36
N SER A 236 22.04 -17.00 -10.45
CA SER A 236 20.91 -16.28 -11.08
C SER A 236 20.56 -15.02 -10.30
N GLY A 237 20.67 -15.06 -8.96
CA GLY A 237 20.17 -14.02 -8.05
C GLY A 237 18.66 -13.91 -8.11
N SER A 238 17.99 -14.98 -8.53
CA SER A 238 16.53 -14.98 -8.72
C SER A 238 15.93 -15.51 -7.45
N TRP A 239 14.70 -15.13 -7.14
CA TRP A 239 13.93 -15.67 -6.01
C TRP A 239 13.77 -17.17 -6.19
N GLN A 240 13.69 -17.63 -7.45
CA GLN A 240 13.51 -19.05 -7.81
C GLN A 240 14.74 -19.84 -7.40
N SER A 241 15.91 -19.21 -7.30
CA SER A 241 17.16 -19.89 -6.91
C SER A 241 17.23 -20.08 -5.39
N ILE A 242 16.33 -19.52 -4.59
CA ILE A 242 16.49 -19.55 -3.10
C ILE A 242 15.89 -20.86 -2.57
N LYS A 243 16.72 -21.70 -1.96
CA LYS A 243 16.32 -22.98 -1.34
C LYS A 243 16.11 -22.78 0.17
N PHE A 244 15.08 -23.40 0.72
CA PHE A 244 14.80 -23.44 2.17
C PHE A 244 13.81 -24.56 2.50
N ASP A 245 13.93 -25.08 3.73
CA ASP A 245 13.09 -26.18 4.29
C ASP A 245 11.84 -25.57 4.94
N CYS B 4 -24.47 4.85 -21.88
CA CYS B 4 -23.60 4.94 -23.07
C CYS B 4 -22.26 4.25 -22.74
N ASN B 5 -21.97 3.13 -23.39
CA ASN B 5 -20.72 2.35 -23.28
C ASN B 5 -19.79 2.82 -24.39
N PRO B 6 -18.66 3.49 -24.06
CA PRO B 6 -17.79 4.08 -25.07
C PRO B 6 -17.23 3.12 -26.12
N LEU B 7 -17.05 1.83 -25.82
CA LEU B 7 -16.45 0.89 -26.81
C LEU B 7 -17.42 0.69 -27.98
N GLU B 8 -18.73 0.81 -27.75
CA GLU B 8 -19.76 0.51 -28.77
C GLU B 8 -20.23 1.80 -29.46
N LYS B 9 -20.42 2.90 -28.74
CA LYS B 9 -21.04 4.12 -29.32
C LYS B 9 -20.16 5.34 -29.03
N THR B 10 -20.48 6.49 -29.59
CA THR B 10 -19.87 7.76 -29.16
C THR B 10 -20.69 8.22 -27.95
N CYS B 11 -20.02 8.50 -26.86
CA CYS B 11 -20.66 8.86 -25.60
C CYS B 11 -20.45 10.35 -25.31
N PRO B 12 -21.38 10.99 -24.58
CA PRO B 12 -21.10 12.31 -24.01
C PRO B 12 -19.95 12.21 -23.00
N PRO B 13 -19.20 13.29 -22.74
CA PRO B 13 -18.13 13.26 -21.73
C PRO B 13 -18.62 12.91 -20.30
N ASN B 14 -17.73 12.33 -19.50
CA ASN B 14 -17.98 12.03 -18.06
C ASN B 14 -17.66 13.29 -17.29
N LYS B 15 -18.55 13.71 -16.39
CA LYS B 15 -18.25 14.84 -15.48
C LYS B 15 -17.01 14.45 -14.68
N GLY B 16 -16.06 15.37 -14.53
CA GLY B 16 -14.79 15.12 -13.85
C GLY B 16 -14.78 15.70 -12.46
N LEU B 17 -13.99 15.12 -11.58
CA LEU B 17 -13.64 15.77 -10.31
C LEU B 17 -12.55 16.81 -10.62
N ALA B 18 -12.92 18.09 -10.69
CA ALA B 18 -12.00 19.19 -11.09
C ALA B 18 -11.21 19.64 -9.85
N ALA B 19 -10.67 18.69 -9.10
CA ALA B 19 -9.83 18.94 -7.91
C ALA B 19 -8.92 17.74 -7.70
N SER B 20 -7.90 17.93 -6.89
CA SER B 20 -6.92 16.86 -6.63
C SER B 20 -7.48 15.97 -5.52
N THR B 21 -8.31 16.51 -4.61
CA THR B 21 -8.89 15.75 -3.49
C THR B 21 -10.39 16.06 -3.33
N TYR B 22 -11.17 15.04 -3.00
CA TYR B 22 -12.56 15.11 -2.52
C TYR B 22 -12.68 14.34 -1.20
N THR B 23 -13.26 14.95 -0.18
CA THR B 23 -13.57 14.29 1.11
C THR B 23 -15.03 14.58 1.44
N ALA B 24 -15.68 13.58 2.02
CA ALA B 24 -17.06 13.64 2.52
C ALA B 24 -17.04 12.97 3.88
N ASP B 25 -17.37 13.70 4.92
CA ASP B 25 -17.58 13.13 6.26
C ASP B 25 -19.10 13.02 6.40
N PHE B 26 -19.66 11.84 6.15
CA PHE B 26 -21.12 11.56 6.16
C PHE B 26 -21.65 11.68 7.59
N THR B 27 -20.76 11.50 8.55
CA THR B 27 -20.97 11.58 10.02
C THR B 27 -21.33 13.00 10.46
N SER B 28 -20.67 14.02 9.89
CA SER B 28 -20.91 15.47 10.10
C SER B 28 -22.07 15.94 9.20
N ALA B 29 -22.78 16.98 9.61
CA ALA B 29 -23.81 17.65 8.78
C ALA B 29 -23.09 18.33 7.60
N SER B 30 -23.54 18.00 6.39
CA SER B 30 -22.96 18.39 5.09
C SER B 30 -23.89 17.89 3.99
N ALA B 31 -23.74 18.35 2.76
CA ALA B 31 -24.58 17.83 1.67
C ALA B 31 -23.88 16.65 0.99
N LEU B 32 -24.60 15.53 0.85
CA LEU B 32 -24.38 14.47 -0.17
C LEU B 32 -24.36 15.15 -1.56
N ASP B 33 -23.71 16.31 -1.67
CA ASP B 33 -23.90 17.27 -2.79
C ASP B 33 -23.35 16.67 -4.10
N GLN B 34 -22.18 16.05 -4.03
CA GLN B 34 -21.50 15.52 -5.24
C GLN B 34 -21.81 14.03 -5.36
N TRP B 35 -22.95 13.58 -4.81
CA TRP B 35 -23.45 12.19 -4.94
C TRP B 35 -24.87 12.19 -5.51
N GLU B 36 -25.25 11.14 -6.22
CA GLU B 36 -26.68 10.87 -6.57
C GLU B 36 -27.09 9.59 -5.83
N VAL B 37 -28.31 9.54 -5.29
CA VAL B 37 -28.89 8.27 -4.77
C VAL B 37 -29.49 7.55 -5.98
N THR B 38 -28.77 6.61 -6.57
CA THR B 38 -29.15 5.97 -7.87
C THR B 38 -30.22 4.89 -7.64
N ALA B 39 -30.42 4.40 -6.42
CA ALA B 39 -31.44 3.39 -6.12
C ALA B 39 -31.78 3.39 -4.63
N GLY B 40 -33.05 3.17 -4.31
CA GLY B 40 -33.55 3.08 -2.93
C GLY B 40 -33.42 4.41 -2.21
N LYS B 41 -33.33 4.35 -0.88
CA LYS B 41 -33.24 5.54 0.00
C LYS B 41 -32.00 5.36 0.85
N VAL B 42 -31.18 6.40 0.96
CA VAL B 42 -29.92 6.32 1.73
C VAL B 42 -29.95 7.44 2.75
N PRO B 43 -30.46 7.16 3.98
CA PRO B 43 -30.42 8.16 5.04
C PRO B 43 -28.98 8.36 5.49
N VAL B 44 -28.70 9.53 6.06
CA VAL B 44 -27.42 9.84 6.74
C VAL B 44 -27.72 10.13 8.21
N GLY B 45 -26.89 9.58 9.08
CA GLY B 45 -27.05 9.69 10.53
C GLY B 45 -25.67 9.72 11.18
N PRO B 46 -25.57 9.36 12.48
CA PRO B 46 -24.34 9.57 13.23
C PRO B 46 -23.17 8.69 12.82
N GLN B 47 -23.41 7.54 12.19
CA GLN B 47 -22.28 6.74 11.62
C GLN B 47 -22.31 6.83 10.09
N GLY B 48 -22.86 7.91 9.57
CA GLY B 48 -22.81 8.23 8.12
C GLY B 48 -23.95 7.60 7.34
N ALA B 49 -23.73 7.42 6.05
CA ALA B 49 -24.72 6.96 5.06
C ALA B 49 -25.10 5.51 5.41
N GLU B 50 -26.39 5.20 5.41
CA GLU B 50 -26.92 3.89 5.84
C GLU B 50 -27.49 3.17 4.64
N PHE B 51 -27.07 1.93 4.41
CA PHE B 51 -27.54 1.14 3.24
C PHE B 51 -28.31 -0.06 3.79
N THR B 52 -29.63 0.06 3.86
CA THR B 52 -30.46 -0.96 4.55
C THR B 52 -31.09 -1.90 3.53
N VAL B 53 -30.92 -3.19 3.73
CA VAL B 53 -31.72 -4.23 3.05
C VAL B 53 -32.79 -4.69 4.05
N ALA B 54 -34.05 -4.28 3.86
CA ALA B 54 -35.17 -4.64 4.78
C ALA B 54 -36.13 -5.62 4.09
N LYS B 55 -36.30 -5.54 2.78
CA LYS B 55 -37.26 -6.41 2.05
C LYS B 55 -36.69 -6.74 0.66
N GLN B 56 -37.22 -7.75 0.02
CA GLN B 56 -36.74 -8.20 -1.31
C GLN B 56 -36.81 -7.00 -2.25
N GLY B 57 -35.80 -6.84 -3.11
CA GLY B 57 -35.70 -5.73 -4.07
C GLY B 57 -34.97 -4.52 -3.50
N ASP B 58 -34.64 -4.51 -2.20
CA ASP B 58 -33.90 -3.40 -1.55
C ASP B 58 -32.44 -3.42 -1.99
N ALA B 59 -31.98 -2.37 -2.66
CA ALA B 59 -30.61 -2.24 -3.17
C ALA B 59 -30.21 -0.78 -3.09
N PRO B 60 -30.19 -0.19 -1.88
CA PRO B 60 -29.81 1.21 -1.74
C PRO B 60 -28.37 1.43 -2.25
N THR B 61 -28.18 2.45 -3.07
CA THR B 61 -26.91 2.73 -3.78
C THR B 61 -26.71 4.23 -3.92
N ILE B 62 -25.48 4.69 -3.79
CA ILE B 62 -25.10 6.10 -4.08
C ILE B 62 -23.90 6.04 -5.05
N ASP B 63 -23.86 6.99 -5.97
CA ASP B 63 -22.74 7.15 -6.93
C ASP B 63 -22.22 8.57 -6.77
N THR B 64 -20.92 8.76 -6.95
CA THR B 64 -20.33 10.11 -7.15
C THR B 64 -20.88 10.67 -8.46
N ASP B 65 -21.23 11.94 -8.46
CA ASP B 65 -21.58 12.70 -9.69
C ASP B 65 -20.40 12.68 -10.65
N PHE B 66 -19.17 12.75 -10.12
CA PHE B 66 -17.91 12.90 -10.89
C PHE B 66 -17.23 11.56 -11.12
N TYR B 67 -16.29 11.54 -12.07
CA TYR B 67 -15.31 10.46 -12.33
C TYR B 67 -13.93 10.98 -11.97
N PHE B 68 -13.03 10.12 -11.51
CA PHE B 68 -11.60 10.46 -11.35
C PHE B 68 -10.78 9.53 -12.24
N PHE B 69 -9.60 9.97 -12.64
CA PHE B 69 -8.77 9.28 -13.65
C PHE B 69 -7.42 8.97 -13.03
N PHE B 70 -7.29 7.78 -12.44
CA PHE B 70 -6.21 7.34 -11.54
C PHE B 70 -6.27 8.12 -10.23
N GLY B 71 -5.63 7.60 -9.20
CA GLY B 71 -5.55 8.26 -7.90
C GLY B 71 -5.93 7.30 -6.80
N LYS B 72 -6.95 7.62 -5.99
CA LYS B 72 -7.15 6.93 -4.70
C LYS B 72 -8.62 7.00 -4.30
N ALA B 73 -9.17 5.89 -3.82
CA ALA B 73 -10.51 5.86 -3.21
C ALA B 73 -10.38 5.19 -1.84
N GLU B 74 -10.71 5.92 -0.79
CA GLU B 74 -10.63 5.43 0.59
C GLU B 74 -12.04 5.54 1.20
N VAL B 75 -12.58 4.43 1.70
CA VAL B 75 -13.95 4.41 2.26
C VAL B 75 -13.88 3.82 3.66
N VAL B 76 -14.42 4.50 4.66
CA VAL B 76 -14.61 3.90 6.01
C VAL B 76 -16.03 3.24 6.06
N MET B 77 -16.20 1.89 6.24
CA MET B 77 -17.41 1.04 6.10
C MET B 77 -17.40 -0.02 7.22
N LYS B 78 -18.59 -0.12 7.74
CA LYS B 78 -19.01 -1.28 8.54
C LYS B 78 -20.04 -2.00 7.68
N ALA B 79 -19.79 -3.24 7.38
CA ALA B 79 -20.63 -3.98 6.41
C ALA B 79 -21.91 -4.45 7.09
N ALA B 80 -22.96 -4.63 6.30
CA ALA B 80 -24.25 -5.18 6.74
C ALA B 80 -24.03 -6.65 7.08
N PRO B 81 -24.58 -7.14 8.20
CA PRO B 81 -24.59 -8.58 8.48
C PRO B 81 -25.72 -9.25 7.71
N GLY B 82 -25.90 -10.54 7.94
CA GLY B 82 -27.01 -11.33 7.36
C GLY B 82 -26.51 -12.17 6.21
N THR B 83 -26.97 -13.42 6.16
CA THR B 83 -26.67 -14.38 5.08
C THR B 83 -27.07 -13.77 3.74
N GLY B 84 -26.14 -13.75 2.80
CA GLY B 84 -26.41 -13.35 1.42
C GLY B 84 -26.50 -11.85 1.27
N VAL B 85 -26.30 -11.05 2.33
CA VAL B 85 -26.35 -9.57 2.18
C VAL B 85 -24.97 -9.08 1.77
N VAL B 86 -24.89 -8.40 0.63
CA VAL B 86 -23.60 -7.92 0.08
C VAL B 86 -23.44 -6.44 0.44
N SER B 87 -22.27 -6.05 0.94
CA SER B 87 -21.85 -4.64 1.11
C SER B 87 -20.75 -4.39 0.07
N SER B 88 -21.00 -3.50 -0.88
CA SER B 88 -20.13 -3.26 -2.07
C SER B 88 -19.50 -1.87 -2.03
N ILE B 89 -18.20 -1.79 -2.27
CA ILE B 89 -17.48 -0.53 -2.67
C ILE B 89 -16.98 -0.74 -4.09
N VAL B 90 -17.51 0.00 -5.07
CA VAL B 90 -17.18 -0.24 -6.50
C VAL B 90 -16.61 1.02 -7.14
N LEU B 91 -15.44 0.94 -7.76
CA LEU B 91 -14.99 1.93 -8.76
C LEU B 91 -15.37 1.35 -10.11
N GLU B 92 -16.07 2.12 -10.93
CA GLU B 92 -16.59 1.61 -12.21
C GLU B 92 -16.47 2.70 -13.26
N SER B 93 -16.00 2.31 -14.43
CA SER B 93 -15.96 3.18 -15.63
C SER B 93 -17.19 2.88 -16.50
N ASP B 94 -17.50 3.78 -17.42
CA ASP B 94 -18.63 3.60 -18.36
C ASP B 94 -18.32 2.46 -19.34
N ASP B 95 -17.05 2.10 -19.58
CA ASP B 95 -16.65 0.96 -20.45
C ASP B 95 -16.52 -0.34 -19.64
N LEU B 96 -16.94 -0.29 -18.36
CA LEU B 96 -17.03 -1.41 -17.40
C LEU B 96 -15.64 -1.88 -16.95
N ASP B 97 -14.63 -1.03 -16.95
CA ASP B 97 -13.43 -1.25 -16.11
C ASP B 97 -13.92 -1.17 -14.67
N GLU B 98 -13.33 -1.91 -13.76
CA GLU B 98 -13.92 -1.97 -12.41
C GLU B 98 -12.92 -2.46 -11.39
N VAL B 99 -12.95 -1.85 -10.23
CA VAL B 99 -12.24 -2.34 -9.02
C VAL B 99 -13.26 -2.30 -7.89
N ASP B 100 -13.30 -3.34 -7.06
CA ASP B 100 -14.31 -3.35 -5.97
C ASP B 100 -13.81 -4.08 -4.73
N TRP B 101 -14.52 -3.80 -3.65
CA TRP B 101 -14.54 -4.58 -2.39
C TRP B 101 -15.94 -5.18 -2.27
N GLU B 102 -16.05 -6.45 -1.87
CA GLU B 102 -17.36 -7.06 -1.53
C GLU B 102 -17.27 -7.67 -0.14
N VAL B 103 -18.15 -7.30 0.79
CA VAL B 103 -18.29 -8.04 2.07
C VAL B 103 -19.59 -8.84 2.03
N LEU B 104 -19.55 -10.08 2.51
CA LEU B 104 -20.75 -10.95 2.58
C LEU B 104 -21.17 -11.04 4.04
N GLY B 105 -22.45 -10.80 4.34
CA GLY B 105 -22.98 -10.72 5.72
C GLY B 105 -22.59 -11.94 6.55
N GLY B 106 -22.53 -13.12 5.94
CA GLY B 106 -22.35 -14.37 6.69
C GLY B 106 -20.90 -14.75 6.88
N ASP B 107 -20.00 -14.15 6.11
CA ASP B 107 -18.54 -14.39 6.13
C ASP B 107 -17.91 -13.31 7.01
N THR B 108 -17.66 -13.61 8.30
CA THR B 108 -17.24 -12.61 9.30
C THR B 108 -15.72 -12.41 9.35
N THR B 109 -14.95 -12.99 8.43
CA THR B 109 -13.48 -13.11 8.57
C THR B 109 -12.76 -12.61 7.30
N GLN B 110 -13.50 -12.26 6.26
CA GLN B 110 -12.90 -11.89 4.97
C GLN B 110 -13.72 -10.81 4.27
N VAL B 111 -13.06 -10.18 3.31
CA VAL B 111 -13.64 -9.28 2.29
C VAL B 111 -13.07 -9.74 0.96
N GLN B 112 -13.85 -9.68 -0.08
CA GLN B 112 -13.38 -10.11 -1.41
C GLN B 112 -12.87 -8.89 -2.19
N THR B 113 -11.74 -9.04 -2.84
CA THR B 113 -11.20 -8.00 -3.73
C THR B 113 -11.49 -8.48 -5.14
N ASN B 114 -11.81 -7.57 -6.04
CA ASN B 114 -12.18 -7.97 -7.39
C ASN B 114 -11.92 -6.83 -8.36
N TYR B 115 -11.77 -7.17 -9.62
CA TYR B 115 -11.58 -6.19 -10.71
C TYR B 115 -12.06 -6.84 -12.00
N PHE B 116 -12.60 -6.03 -12.90
CA PHE B 116 -12.97 -6.39 -14.30
C PHE B 116 -12.28 -5.39 -15.22
N GLY B 117 -11.84 -5.86 -16.39
CA GLY B 117 -11.40 -5.01 -17.51
C GLY B 117 -12.44 -5.03 -18.61
N LYS B 118 -12.96 -3.86 -18.99
CA LYS B 118 -13.88 -3.72 -20.16
C LYS B 118 -15.06 -4.68 -20.05
N GLY B 119 -15.57 -4.94 -18.84
CA GLY B 119 -16.78 -5.74 -18.59
C GLY B 119 -16.57 -7.20 -18.95
N ASP B 120 -15.31 -7.64 -19.00
CA ASP B 120 -14.92 -9.02 -19.35
C ASP B 120 -15.13 -9.89 -18.11
N THR B 121 -16.17 -10.72 -18.13
CA THR B 121 -16.48 -11.76 -17.12
C THR B 121 -15.70 -13.03 -17.48
N TYR B 124 -12.20 -17.45 -9.90
CA TYR B 124 -11.98 -16.01 -10.19
C TYR B 124 -10.49 -15.72 -10.37
N ASP B 125 -10.08 -15.31 -11.57
CA ASP B 125 -8.74 -14.75 -11.89
C ASP B 125 -8.70 -13.32 -11.32
N ARG B 126 -9.89 -12.71 -11.22
CA ARG B 126 -10.08 -11.29 -10.86
C ARG B 126 -10.34 -11.19 -9.35
N GLY B 127 -10.86 -12.25 -8.73
CA GLY B 127 -11.33 -12.32 -7.33
C GLY B 127 -10.26 -12.89 -6.42
N THR B 128 -10.17 -12.35 -5.20
CA THR B 128 -9.24 -12.76 -4.13
C THR B 128 -9.85 -12.38 -2.78
N TYR B 129 -9.96 -13.31 -1.85
CA TYR B 129 -10.46 -13.02 -0.48
C TYR B 129 -9.26 -12.65 0.40
N VAL B 130 -9.43 -11.65 1.27
CA VAL B 130 -8.36 -11.25 2.22
C VAL B 130 -8.96 -11.24 3.61
N PRO B 131 -8.18 -11.63 4.65
CA PRO B 131 -8.70 -11.66 6.01
C PRO B 131 -8.92 -10.22 6.50
N VAL B 132 -10.02 -10.01 7.20
CA VAL B 132 -10.35 -8.72 7.87
C VAL B 132 -11.22 -9.07 9.08
N ALA B 133 -10.96 -8.44 10.22
CA ALA B 133 -11.63 -8.74 11.49
C ALA B 133 -13.06 -8.21 11.44
N THR B 134 -14.01 -9.09 11.65
CA THR B 134 -15.46 -8.84 11.71
C THR B 134 -15.86 -7.59 10.92
N PRO B 135 -15.81 -7.60 9.59
CA PRO B 135 -16.18 -6.41 8.83
C PRO B 135 -17.63 -5.93 9.05
N GLN B 136 -18.54 -6.80 9.50
CA GLN B 136 -19.96 -6.46 9.80
C GLN B 136 -20.10 -5.82 11.18
N GLU B 137 -19.12 -5.89 12.06
CA GLU B 137 -19.27 -5.45 13.47
C GLU B 137 -18.30 -4.30 13.78
N THR B 138 -17.36 -3.98 12.91
CA THR B 138 -16.38 -2.88 13.11
C THR B 138 -16.25 -2.08 11.81
N PHE B 139 -15.95 -0.80 11.90
CA PHE B 139 -15.54 0.03 10.74
C PHE B 139 -14.10 -0.29 10.37
N HIS B 140 -13.81 -0.30 9.08
CA HIS B 140 -12.45 -0.48 8.54
C HIS B 140 -12.28 0.57 7.47
N THR B 141 -11.03 0.94 7.19
CA THR B 141 -10.71 1.85 6.08
C THR B 141 -10.34 1.00 4.88
N TYR B 142 -11.15 1.05 3.84
CA TYR B 142 -10.91 0.30 2.59
C TYR B 142 -10.30 1.28 1.61
N THR B 143 -9.06 1.01 1.21
CA THR B 143 -8.32 1.92 0.31
C THR B 143 -7.99 1.20 -0.99
N ILE B 144 -8.23 1.87 -2.10
CA ILE B 144 -7.77 1.45 -3.44
C ILE B 144 -6.82 2.52 -3.95
N ASP B 145 -5.55 2.21 -4.12
CA ASP B 145 -4.58 3.06 -4.83
C ASP B 145 -4.57 2.59 -6.28
N TRP B 146 -4.84 3.49 -7.21
CA TRP B 146 -5.04 3.15 -8.62
C TRP B 146 -4.10 3.99 -9.49
N THR B 147 -3.10 3.36 -10.08
CA THR B 147 -2.13 4.00 -11.00
C THR B 147 -2.14 3.22 -12.31
N LYS B 148 -1.50 3.77 -13.33
CA LYS B 148 -1.34 3.09 -14.64
C LYS B 148 -0.45 1.86 -14.45
N ASP B 149 0.28 1.77 -13.36
CA ASP B 149 1.23 0.65 -13.14
C ASP B 149 0.58 -0.43 -12.28
N ALA B 150 -0.30 -0.07 -11.33
CA ALA B 150 -0.83 -1.06 -10.38
C ALA B 150 -2.11 -0.56 -9.69
N VAL B 151 -2.99 -1.49 -9.36
CA VAL B 151 -4.06 -1.30 -8.35
C VAL B 151 -3.60 -1.95 -7.05
N THR B 152 -3.65 -1.21 -5.95
CA THR B 152 -3.30 -1.71 -4.62
C THR B 152 -4.53 -1.59 -3.73
N TRP B 153 -4.95 -2.69 -3.13
CA TRP B 153 -6.00 -2.73 -2.09
C TRP B 153 -5.32 -2.65 -0.74
N SER B 154 -5.83 -1.83 0.17
CA SER B 154 -5.36 -1.71 1.56
C SER B 154 -6.53 -1.76 2.54
N ILE B 155 -6.29 -2.30 3.73
CA ILE B 155 -7.27 -2.29 4.84
C ILE B 155 -6.56 -1.74 6.08
N ASP B 156 -7.06 -0.64 6.65
CA ASP B 156 -6.50 -0.02 7.88
C ASP B 156 -5.00 0.24 7.69
N GLY B 157 -4.58 0.67 6.51
CA GLY B 157 -3.19 1.05 6.24
C GLY B 157 -2.32 -0.12 5.81
N ALA B 158 -2.82 -1.35 5.73
CA ALA B 158 -1.97 -2.53 5.40
C ALA B 158 -2.28 -3.00 3.99
N VAL B 159 -1.26 -3.14 3.13
CA VAL B 159 -1.52 -3.62 1.74
C VAL B 159 -2.03 -5.06 1.83
N VAL B 160 -3.14 -5.38 1.16
CA VAL B 160 -3.70 -6.77 1.18
C VAL B 160 -3.64 -7.40 -0.22
N ARG B 161 -3.55 -6.60 -1.29
CA ARG B 161 -3.46 -7.13 -2.67
C ARG B 161 -2.87 -6.08 -3.62
N THR B 162 -2.05 -6.52 -4.58
CA THR B 162 -1.54 -5.68 -5.68
C THR B 162 -1.84 -6.36 -7.00
N LEU B 163 -2.50 -5.67 -7.91
CA LEU B 163 -2.66 -6.06 -9.32
C LEU B 163 -1.73 -5.19 -10.16
N THR B 164 -0.68 -5.77 -10.73
CA THR B 164 0.22 -5.05 -11.66
C THR B 164 -0.42 -5.05 -13.06
N TYR B 165 -0.07 -4.03 -13.84
CA TYR B 165 -0.60 -3.82 -15.21
C TYR B 165 -0.48 -5.12 -16.01
N ASN B 166 0.70 -5.77 -15.98
CA ASN B 166 0.96 -6.99 -16.78
C ASN B 166 0.15 -8.18 -16.23
N ASP B 167 -0.05 -8.26 -14.90
CA ASP B 167 -0.86 -9.33 -14.23
C ASP B 167 -2.28 -9.37 -14.82
N ALA B 168 -2.79 -8.26 -15.34
CA ALA B 168 -4.19 -8.16 -15.80
C ALA B 168 -4.32 -8.41 -17.31
N LYS B 169 -4.27 -9.68 -17.76
CA LYS B 169 -4.29 -10.09 -19.21
C LYS B 169 -3.36 -9.19 -20.02
N GLY B 170 -2.11 -9.01 -19.56
CA GLY B 170 -1.09 -8.17 -20.22
C GLY B 170 -1.52 -6.72 -20.40
N GLY B 171 -2.37 -6.23 -19.52
CA GLY B 171 -2.82 -4.83 -19.55
C GLY B 171 -4.13 -4.67 -20.30
N THR B 172 -4.50 -5.66 -21.10
CA THR B 172 -5.78 -5.65 -21.86
C THR B 172 -6.97 -5.66 -20.90
N ARG B 173 -6.79 -6.07 -19.64
CA ARG B 173 -7.92 -6.07 -18.67
C ARG B 173 -7.59 -5.19 -17.45
N PHE B 174 -6.60 -4.31 -17.52
CA PHE B 174 -6.26 -3.40 -16.40
C PHE B 174 -7.24 -2.22 -16.40
N PRO B 175 -7.91 -1.91 -15.27
CA PRO B 175 -8.81 -0.75 -15.21
C PRO B 175 -7.99 0.51 -15.52
N GLN B 176 -8.35 1.27 -16.53
CA GLN B 176 -7.52 2.41 -17.00
C GLN B 176 -8.41 3.49 -17.62
N THR B 177 -9.67 3.59 -17.22
CA THR B 177 -10.57 4.62 -17.74
C THR B 177 -11.14 5.36 -16.55
N PRO B 178 -11.70 6.57 -16.74
CA PRO B 178 -12.20 7.36 -15.63
C PRO B 178 -13.30 6.55 -14.93
N MET B 179 -13.25 6.49 -13.60
CA MET B 179 -14.20 5.68 -12.81
C MET B 179 -14.94 6.54 -11.80
N ARG B 180 -16.18 6.16 -11.51
CA ARG B 180 -16.94 6.78 -10.39
C ARG B 180 -17.00 5.77 -9.24
N LEU B 181 -17.21 6.27 -8.04
CA LEU B 181 -17.31 5.44 -6.81
C LEU B 181 -18.79 5.15 -6.57
N ARG B 182 -19.17 3.89 -6.44
CA ARG B 182 -20.56 3.45 -6.12
C ARG B 182 -20.52 2.77 -4.75
N LEU B 183 -21.41 3.14 -3.84
CA LEU B 183 -21.50 2.48 -2.52
C LEU B 183 -22.90 1.89 -2.40
N GLY B 184 -23.00 0.70 -1.83
CA GLY B 184 -24.31 0.04 -1.81
C GLY B 184 -24.32 -1.30 -1.15
N SER B 185 -25.50 -1.68 -0.70
CA SER B 185 -25.81 -3.00 -0.13
C SER B 185 -26.96 -3.58 -0.94
N TRP B 186 -27.04 -4.89 -0.98
CA TRP B 186 -28.07 -5.60 -1.78
C TRP B 186 -28.07 -7.06 -1.34
N ALA B 187 -29.14 -7.78 -1.66
CA ALA B 187 -29.24 -9.20 -1.29
C ALA B 187 -28.66 -10.04 -2.42
N GLY B 188 -27.41 -10.47 -2.31
CA GLY B 188 -26.82 -11.48 -3.20
C GLY B 188 -27.63 -12.75 -3.10
N GLY B 189 -28.21 -12.99 -1.93
CA GLY B 189 -28.95 -14.21 -1.62
C GLY B 189 -30.44 -14.06 -1.86
N ASP B 190 -30.88 -13.06 -2.61
CA ASP B 190 -32.26 -12.91 -3.12
C ASP B 190 -32.64 -14.22 -3.81
N PRO B 191 -33.76 -14.87 -3.43
CA PRO B 191 -34.16 -16.14 -4.06
C PRO B 191 -34.32 -16.03 -5.59
N SER B 192 -34.66 -14.85 -6.09
CA SER B 192 -34.79 -14.59 -7.55
C SER B 192 -33.43 -14.49 -8.24
N ASN B 193 -32.30 -14.59 -7.54
CA ASN B 193 -30.96 -14.50 -8.18
C ASN B 193 -30.58 -15.87 -8.73
N PRO B 194 -29.63 -15.92 -9.69
CA PRO B 194 -29.04 -17.20 -10.10
C PRO B 194 -28.45 -17.94 -8.90
N LYS B 195 -28.52 -19.28 -8.90
CA LYS B 195 -27.90 -20.17 -7.87
C LYS B 195 -26.44 -19.76 -7.63
N GLY B 196 -25.69 -19.46 -8.70
CA GLY B 196 -24.26 -19.09 -8.62
C GLY B 196 -24.05 -17.85 -7.76
N THR B 197 -24.93 -16.85 -7.89
CA THR B 197 -24.84 -15.59 -7.11
C THR B 197 -25.16 -15.90 -5.64
N ILE B 198 -26.22 -16.68 -5.39
CA ILE B 198 -26.67 -17.01 -4.01
C ILE B 198 -25.53 -17.74 -3.29
N GLU B 199 -24.94 -18.73 -3.93
CA GLU B 199 -23.79 -19.52 -3.43
C GLU B 199 -22.63 -18.59 -3.09
N TRP B 200 -22.31 -17.68 -4.01
CA TRP B 200 -21.18 -16.74 -3.85
C TRP B 200 -21.46 -15.83 -2.64
N ALA B 201 -22.70 -15.36 -2.52
CA ALA B 201 -23.16 -14.42 -1.48
C ALA B 201 -23.16 -15.12 -0.12
N GLY B 202 -23.11 -16.45 -0.09
CA GLY B 202 -23.02 -17.23 1.16
C GLY B 202 -24.36 -17.77 1.60
N GLY B 203 -25.37 -17.71 0.73
CA GLY B 203 -26.64 -18.41 0.97
C GLY B 203 -27.84 -17.50 0.79
N LEU B 204 -29.02 -18.05 0.99
CA LEU B 204 -30.34 -17.42 0.81
C LEU B 204 -30.51 -16.29 1.81
N THR B 205 -31.04 -15.16 1.37
CA THR B 205 -31.29 -14.01 2.26
C THR B 205 -32.67 -14.17 2.85
N ASP B 206 -32.76 -14.07 4.16
CA ASP B 206 -34.01 -14.09 4.95
C ASP B 206 -34.27 -12.65 5.37
N TYR B 207 -35.09 -11.92 4.62
CA TYR B 207 -35.43 -10.51 4.88
C TYR B 207 -36.11 -10.36 6.25
N SER B 208 -36.90 -11.32 6.69
CA SER B 208 -37.60 -11.26 7.99
C SER B 208 -36.60 -11.27 9.16
N ALA B 209 -35.40 -11.85 8.98
CA ALA B 209 -34.32 -11.86 10.00
C ALA B 209 -33.52 -10.55 9.94
N GLY B 210 -33.93 -9.66 9.04
CA GLY B 210 -33.34 -8.31 8.90
C GLY B 210 -33.98 -7.30 9.85
N PRO B 211 -33.93 -5.99 9.58
CA PRO B 211 -33.19 -5.46 8.43
C PRO B 211 -31.68 -5.46 8.65
N TYR B 212 -30.96 -5.39 7.54
CA TYR B 212 -29.49 -5.45 7.51
C TYR B 212 -28.96 -4.15 6.94
N THR B 213 -28.06 -3.49 7.65
CA THR B 213 -27.57 -2.15 7.30
C THR B 213 -26.03 -2.13 7.24
N MET B 214 -25.52 -1.62 6.11
CA MET B 214 -24.11 -1.26 5.90
C MET B 214 -23.98 0.23 6.23
N TYR B 215 -22.87 0.67 6.83
CA TYR B 215 -22.64 2.10 7.13
C TYR B 215 -21.34 2.56 6.49
N VAL B 216 -21.38 3.74 5.85
CA VAL B 216 -20.18 4.44 5.36
C VAL B 216 -20.05 5.77 6.10
N LYS B 217 -19.01 5.90 6.92
CA LYS B 217 -18.71 7.10 7.73
C LYS B 217 -18.11 8.20 6.85
N SER B 218 -17.19 7.81 5.96
CA SER B 218 -16.39 8.80 5.18
C SER B 218 -15.87 8.23 3.87
N VAL B 219 -15.59 9.14 2.95
CA VAL B 219 -15.00 8.88 1.62
C VAL B 219 -13.89 9.90 1.39
N ARG B 220 -12.72 9.44 0.97
CA ARG B 220 -11.61 10.31 0.51
C ARG B 220 -11.23 9.86 -0.91
N ILE B 221 -11.35 10.74 -1.89
CA ILE B 221 -10.92 10.47 -3.28
C ILE B 221 -9.81 11.45 -3.65
N GLU B 222 -8.73 10.91 -4.22
CA GLU B 222 -7.63 11.70 -4.81
C GLU B 222 -7.68 11.47 -6.30
N ASN B 223 -7.73 12.54 -7.08
CA ASN B 223 -7.76 12.45 -8.55
C ASN B 223 -6.36 12.74 -9.05
N ALA B 224 -5.70 11.78 -9.69
CA ALA B 224 -4.34 11.92 -10.25
C ALA B 224 -4.38 12.95 -11.40
N ASN B 225 -5.51 13.05 -12.08
CA ASN B 225 -5.70 13.89 -13.29
C ASN B 225 -6.93 14.77 -13.15
N PRO B 226 -6.93 15.78 -12.26
CA PRO B 226 -8.10 16.65 -12.12
C PRO B 226 -8.56 17.21 -13.48
N ALA B 227 -9.86 17.22 -13.73
CA ALA B 227 -10.45 17.77 -14.97
C ALA B 227 -11.93 18.04 -14.74
N GLU B 228 -12.48 18.99 -15.51
CA GLU B 228 -13.92 19.32 -15.50
C GLU B 228 -14.66 18.17 -16.15
N SER B 229 -14.04 17.44 -17.07
CA SER B 229 -14.67 16.31 -17.79
C SER B 229 -13.65 15.47 -18.58
N TYR B 230 -14.04 14.24 -18.89
CA TYR B 230 -13.21 13.27 -19.63
C TYR B 230 -14.00 12.79 -20.84
N THR B 231 -13.32 12.69 -21.97
CA THR B 231 -13.89 12.27 -23.25
C THR B 231 -13.14 11.02 -23.70
N TYR B 232 -13.87 10.00 -24.12
CA TYR B 232 -13.28 8.82 -24.81
C TYR B 232 -13.12 9.20 -26.29
N SER B 233 -11.89 9.43 -26.74
CA SER B 233 -11.60 9.85 -28.14
C SER B 233 -11.87 8.73 -29.17
N ASP B 234 -12.14 7.49 -28.75
CA ASP B 234 -12.44 6.40 -29.71
C ASP B 234 -13.14 5.24 -28.97
N ASN B 235 -13.11 4.03 -29.56
CA ASN B 235 -13.84 2.87 -28.99
C ASN B 235 -12.82 1.82 -28.54
N SER B 236 -11.62 2.22 -28.16
CA SER B 236 -10.59 1.27 -27.70
C SER B 236 -10.70 1.00 -26.20
N GLY B 237 -11.13 1.99 -25.40
CA GLY B 237 -11.11 1.92 -23.94
C GLY B 237 -9.70 2.01 -23.41
N SER B 238 -8.78 2.60 -24.16
CA SER B 238 -7.37 2.76 -23.73
C SER B 238 -7.23 3.98 -22.83
N TRP B 239 -6.26 4.04 -21.93
CA TRP B 239 -6.15 5.26 -21.11
C TRP B 239 -5.59 6.43 -21.91
N GLN B 240 -5.01 6.14 -23.07
CA GLN B 240 -4.42 7.14 -23.99
C GLN B 240 -5.52 7.78 -24.82
N SER B 241 -6.65 7.10 -24.89
CA SER B 241 -7.83 7.58 -25.61
C SER B 241 -8.61 8.58 -24.76
N ILE B 242 -8.23 8.80 -23.50
CA ILE B 242 -8.96 9.72 -22.59
C ILE B 242 -8.46 11.15 -22.77
N LYS B 243 -9.29 11.97 -23.39
CA LYS B 243 -8.97 13.39 -23.61
C LYS B 243 -9.65 14.25 -22.55
N PHE B 244 -8.89 15.19 -22.00
CA PHE B 244 -9.34 16.18 -21.01
C PHE B 244 -8.35 17.34 -21.02
N ASP B 245 -8.78 18.55 -20.67
CA ASP B 245 -7.91 19.76 -20.64
C ASP B 245 -6.56 19.38 -20.01
#